data_1ELP
#
_entry.id   1ELP
#
_cell.length_a   57.810
_cell.length_b   70.030
_cell.length_c   117.250
_cell.angle_alpha   90.00
_cell.angle_beta   90.00
_cell.angle_gamma   90.00
#
_symmetry.space_group_name_H-M   'P 21 21 21'
#
loop_
_entity.id
_entity.type
_entity.pdbx_description
1 polymer 'GAMMA-D CRYSTALLIN'
2 water water
#
_entity_poly.entity_id   1
_entity_poly.type   'polypeptide(L)'
_entity_poly.pdbx_seq_one_letter_code
;GKITFYEDRGFQGRHYECSSDHSNLQPYLGRCNSVRVDSGCWMIYEQPNYLGPQYFLRRGDYPDYQQWMGLNDSIRSCRL
IPHAGSHRLRLYEREDYRGQMIEITEDCSSLQDRFHFNEIHSLNVLEGSWVLYELPNYRGRQYLLRPGEYRRYHDWGAMN
AKVGSLRRVIDIY
;
_entity_poly.pdbx_strand_id   A,B
#
# COMPACT_ATOMS: atom_id res chain seq x y z
N GLY A 1 -2.77 19.95 -10.80
CA GLY A 1 -1.39 19.55 -11.07
C GLY A 1 -1.44 18.17 -11.69
N LYS A 2 -0.31 17.73 -12.23
CA LYS A 2 -0.36 16.37 -12.80
C LYS A 2 1.06 15.83 -12.91
N ILE A 3 1.34 14.68 -12.34
CA ILE A 3 2.68 14.08 -12.37
C ILE A 3 2.56 12.61 -12.77
N THR A 4 3.56 12.07 -13.47
CA THR A 4 3.49 10.65 -13.84
C THR A 4 4.75 9.97 -13.40
N PHE A 5 4.67 8.93 -12.60
CA PHE A 5 5.87 8.24 -12.16
C PHE A 5 6.10 7.00 -13.03
N TYR A 6 7.34 6.63 -13.30
CA TYR A 6 7.66 5.42 -14.08
C TYR A 6 8.62 4.54 -13.30
N GLU A 7 8.48 3.23 -13.30
CA GLU A 7 9.34 2.33 -12.61
C GLU A 7 10.76 2.26 -13.16
N ASP A 8 10.91 2.48 -14.46
CA ASP A 8 12.22 2.41 -15.12
C ASP A 8 12.70 3.76 -15.65
N ARG A 9 14.01 3.82 -15.96
CA ARG A 9 14.55 5.06 -16.49
C ARG A 9 14.02 5.40 -17.87
N GLY A 10 14.15 6.67 -18.24
CA GLY A 10 13.73 7.07 -19.56
C GLY A 10 12.26 6.91 -19.88
N PHE A 11 11.43 6.95 -18.84
CA PHE A 11 10.00 6.90 -19.07
C PHE A 11 9.46 5.57 -19.55
N GLN A 12 10.09 4.48 -19.12
CA GLN A 12 9.66 3.15 -19.49
C GLN A 12 9.06 2.43 -18.26
N GLY A 13 8.41 1.33 -18.58
CA GLY A 13 7.80 0.45 -17.62
C GLY A 13 6.47 0.94 -17.09
N ARG A 14 6.04 0.28 -16.04
CA ARG A 14 4.79 0.57 -15.32
C ARG A 14 4.87 2.01 -14.83
N HIS A 15 3.82 2.76 -15.10
CA HIS A 15 3.80 4.15 -14.65
C HIS A 15 2.52 4.35 -13.84
N TYR A 16 2.40 5.51 -13.23
CA TYR A 16 1.20 5.86 -12.44
C TYR A 16 1.08 7.37 -12.51
N GLU A 17 -0.10 7.86 -12.85
CA GLU A 17 -0.33 9.29 -12.95
C GLU A 17 -1.12 9.79 -11.74
N CYS A 18 -0.70 10.91 -11.16
CA CYS A 18 -1.28 11.58 -10.04
C CYS A 18 -1.60 13.03 -10.40
N SER A 19 -2.64 13.51 -9.72
CA SER A 19 -3.08 14.87 -9.87
C SER A 19 -3.34 15.49 -8.51
N SER A 20 -3.11 14.68 -7.47
CA SER A 20 -3.31 15.12 -6.08
C SER A 20 -2.39 14.31 -5.16
N ASP A 21 -2.36 14.70 -3.89
CA ASP A 21 -1.55 14.07 -2.88
C ASP A 21 -1.84 12.60 -2.80
N HIS A 22 -0.81 11.84 -2.45
CA HIS A 22 -0.92 10.41 -2.30
C HIS A 22 0.01 10.04 -1.17
N SER A 23 -0.56 9.58 -0.06
CA SER A 23 0.32 9.21 1.05
C SER A 23 0.91 7.83 0.93
N ASN A 24 0.46 7.04 -0.05
CA ASN A 24 1.06 5.72 -0.18
C ASN A 24 1.03 5.25 -1.63
N LEU A 25 2.16 5.32 -2.34
CA LEU A 25 2.14 4.91 -3.74
C LEU A 25 2.57 3.48 -3.93
N GLN A 26 2.90 2.79 -2.84
CA GLN A 26 3.35 1.43 -2.91
C GLN A 26 2.53 0.45 -3.72
N PRO A 27 1.21 0.51 -3.68
CA PRO A 27 0.41 -0.45 -4.47
C PRO A 27 0.46 -0.20 -5.97
N TYR A 28 0.77 1.02 -6.37
CA TYR A 28 0.79 1.39 -7.78
C TYR A 28 2.14 1.54 -8.42
N LEU A 29 3.18 1.47 -7.59
CA LEU A 29 4.54 1.68 -8.17
C LEU A 29 5.53 0.92 -7.31
N GLY A 30 6.33 0.05 -7.93
CA GLY A 30 7.26 -0.74 -7.14
C GLY A 30 8.60 -0.05 -7.00
N ARG A 31 8.78 1.02 -7.80
CA ARG A 31 10.05 1.76 -7.72
C ARG A 31 9.88 2.96 -8.60
N CYS A 32 10.82 3.91 -8.60
CA CYS A 32 10.63 5.09 -9.45
C CYS A 32 11.99 5.59 -9.96
N ASN A 33 12.20 5.55 -11.27
CA ASN A 33 13.44 5.92 -11.93
C ASN A 33 13.29 6.98 -12.97
N SER A 34 12.05 7.47 -13.09
CA SER A 34 11.71 8.55 -13.94
C SER A 34 10.35 9.16 -13.62
N VAL A 35 10.25 10.45 -13.85
CA VAL A 35 9.05 11.24 -13.62
C VAL A 35 8.85 12.24 -14.74
N ARG A 36 7.59 12.47 -15.07
CA ARG A 36 7.27 13.44 -16.09
C ARG A 36 6.27 14.33 -15.37
N VAL A 37 6.65 15.57 -15.07
CA VAL A 37 5.73 16.47 -14.39
C VAL A 37 5.08 17.36 -15.45
N ASP A 38 3.76 17.23 -15.61
CA ASP A 38 3.08 18.09 -16.58
C ASP A 38 2.68 19.42 -15.96
N SER A 39 2.31 19.39 -14.68
CA SER A 39 1.95 20.69 -14.12
C SER A 39 1.97 20.57 -12.61
N GLY A 40 2.19 21.75 -12.01
CA GLY A 40 2.24 21.83 -10.57
C GLY A 40 3.66 21.70 -10.05
N CYS A 41 3.82 21.97 -8.76
CA CYS A 41 5.11 21.86 -8.10
C CYS A 41 4.79 20.76 -7.07
N TRP A 42 5.67 19.78 -7.04
CA TRP A 42 5.54 18.60 -6.24
C TRP A 42 6.74 18.23 -5.40
N MET A 43 6.41 17.69 -4.23
CA MET A 43 7.39 17.16 -3.32
C MET A 43 7.12 15.65 -3.36
N ILE A 44 8.17 14.85 -3.58
CA ILE A 44 8.09 13.39 -3.58
C ILE A 44 8.90 12.87 -2.42
N TYR A 45 8.45 11.80 -1.76
CA TYR A 45 9.15 11.30 -0.59
C TYR A 45 9.52 9.84 -0.69
N GLU A 46 10.63 9.46 -0.08
CA GLU A 46 11.10 8.09 -0.12
C GLU A 46 10.17 7.13 0.60
N GLN A 47 9.42 7.64 1.57
CA GLN A 47 8.53 6.77 2.35
C GLN A 47 7.08 7.23 2.28
N PRO A 48 6.15 6.33 2.69
CA PRO A 48 4.72 6.67 2.67
C PRO A 48 4.47 7.73 3.76
N ASN A 49 3.31 8.37 3.72
CA ASN A 49 2.96 9.38 4.74
C ASN A 49 3.93 10.54 4.82
N TYR A 50 4.49 10.89 3.68
CA TYR A 50 5.41 12.00 3.53
C TYR A 50 6.63 11.99 4.44
N LEU A 51 7.19 10.82 4.70
CA LEU A 51 8.35 10.62 5.56
C LEU A 51 9.62 10.36 4.75
N GLY A 52 10.78 10.42 5.38
CA GLY A 52 12.07 10.19 4.72
C GLY A 52 12.56 11.33 3.84
N PRO A 53 13.61 11.07 3.04
CA PRO A 53 14.12 12.11 2.15
C PRO A 53 13.02 12.65 1.29
N GLN A 54 13.05 13.93 0.95
CA GLN A 54 12.08 14.63 0.15
C GLN A 54 12.81 15.28 -1.04
N TYR A 55 12.09 15.42 -2.14
CA TYR A 55 12.64 16.01 -3.36
C TYR A 55 11.65 16.90 -4.04
N PHE A 56 12.09 18.07 -4.49
CA PHE A 56 11.13 18.99 -5.14
C PHE A 56 11.25 18.87 -6.66
N LEU A 57 10.12 18.87 -7.34
CA LEU A 57 10.06 18.78 -8.79
C LEU A 57 9.05 19.77 -9.31
N ARG A 58 9.37 20.46 -10.41
CA ARG A 58 8.41 21.39 -10.99
C ARG A 58 8.25 20.82 -12.42
N ARG A 59 7.38 21.44 -13.20
CA ARG A 59 7.09 21.01 -14.55
C ARG A 59 8.27 20.63 -15.40
N GLY A 60 8.21 19.48 -16.08
CA GLY A 60 9.35 19.04 -16.86
C GLY A 60 9.65 17.55 -16.79
N ASP A 61 10.71 17.12 -17.45
CA ASP A 61 11.00 15.69 -17.43
C ASP A 61 12.19 15.28 -16.60
N TYR A 62 12.11 14.16 -15.90
CA TYR A 62 13.25 13.69 -15.09
C TYR A 62 13.50 12.24 -15.52
N PRO A 63 14.44 12.02 -16.46
CA PRO A 63 14.74 10.72 -17.04
C PRO A 63 15.40 9.70 -16.17
N ASP A 64 15.88 10.19 -15.02
CA ASP A 64 16.53 9.32 -14.04
C ASP A 64 16.39 9.97 -12.66
N TYR A 65 16.67 9.22 -11.61
CA TYR A 65 16.52 9.82 -10.27
C TYR A 65 17.52 10.90 -9.99
N GLN A 66 18.72 10.87 -10.59
CA GLN A 66 19.72 11.93 -10.35
C GLN A 66 19.10 13.26 -10.78
N GLN A 67 18.18 13.23 -11.74
CA GLN A 67 17.59 14.46 -12.17
C GLN A 67 16.90 15.25 -11.08
N TRP A 68 16.29 14.59 -10.10
CA TRP A 68 15.63 15.28 -8.99
C TRP A 68 16.51 15.21 -7.74
N MET A 69 17.73 14.76 -7.91
CA MET A 69 18.75 14.61 -6.88
C MET A 69 18.39 13.55 -5.90
N GLY A 70 17.64 12.56 -6.39
CA GLY A 70 17.27 11.53 -5.45
C GLY A 70 18.44 10.70 -4.97
N LEU A 71 18.25 10.00 -3.86
CA LEU A 71 19.31 9.15 -3.32
C LEU A 71 19.19 7.72 -3.86
N ASN A 72 18.01 7.38 -4.37
CA ASN A 72 17.79 6.01 -4.83
C ASN A 72 16.47 6.02 -5.60
N ASP A 73 15.95 4.86 -5.99
CA ASP A 73 14.69 4.85 -6.72
C ASP A 73 13.44 4.53 -5.92
N SER A 74 13.45 4.75 -4.61
CA SER A 74 12.23 4.51 -3.82
C SER A 74 11.46 5.83 -3.65
N ILE A 75 10.25 5.91 -4.18
CA ILE A 75 9.38 7.07 -4.08
C ILE A 75 8.08 6.43 -3.54
N ARG A 76 7.66 6.72 -2.32
CA ARG A 76 6.47 6.18 -1.67
C ARG A 76 5.30 7.08 -1.42
N SER A 77 5.48 8.38 -1.62
CA SER A 77 4.42 9.34 -1.41
C SER A 77 4.75 10.63 -2.12
N CYS A 78 3.78 11.49 -2.37
CA CYS A 78 4.00 12.74 -3.08
C CYS A 78 2.90 13.72 -2.72
N ARG A 79 3.23 15.00 -2.83
CA ARG A 79 2.18 15.97 -2.50
C ARG A 79 2.37 17.14 -3.44
N LEU A 80 1.24 17.71 -3.83
CA LEU A 80 1.17 18.87 -4.72
C LEU A 80 1.31 20.09 -3.78
N ILE A 81 2.25 20.96 -4.11
CA ILE A 81 2.51 22.16 -3.28
C ILE A 81 1.66 23.30 -3.81
N PRO A 82 0.68 23.74 -3.01
CA PRO A 82 -0.14 24.83 -3.55
C PRO A 82 0.61 26.11 -3.78
N HIS A 83 0.35 26.79 -4.92
CA HIS A 83 1.10 28.02 -5.12
C HIS A 83 0.62 29.16 -4.28
N ALA A 84 1.41 30.23 -4.19
CA ALA A 84 1.02 31.40 -3.38
C ALA A 84 1.51 32.56 -4.21
N GLY A 85 0.89 33.74 -4.18
CA GLY A 85 1.49 34.78 -5.02
C GLY A 85 2.50 35.64 -4.29
N SER A 86 2.83 35.17 -3.10
CA SER A 86 3.69 35.83 -2.12
C SER A 86 4.42 34.95 -1.10
N HIS A 87 5.67 35.29 -0.80
CA HIS A 87 6.49 34.55 0.14
C HIS A 87 7.10 35.41 1.23
N ARG A 88 7.18 34.86 2.44
CA ARG A 88 7.80 35.60 3.53
C ARG A 88 8.16 34.59 4.59
N LEU A 89 9.39 34.64 5.05
CA LEU A 89 9.88 33.68 6.03
C LEU A 89 10.83 34.36 7.02
N ARG A 90 10.83 33.88 8.26
CA ARG A 90 11.72 34.44 9.26
C ARG A 90 12.58 33.30 9.81
N LEU A 91 13.88 33.49 9.67
CA LEU A 91 14.86 32.53 10.14
C LEU A 91 15.39 33.00 11.50
N TYR A 92 15.58 32.09 12.45
CA TYR A 92 16.08 32.41 13.77
C TYR A 92 17.43 31.80 14.05
N GLU A 93 18.16 32.58 14.82
CA GLU A 93 19.51 32.25 15.27
C GLU A 93 19.44 30.96 16.10
N ARG A 94 18.52 30.99 17.07
CA ARG A 94 18.35 29.87 17.99
C ARG A 94 16.96 29.23 17.98
N GLU A 95 16.94 28.07 18.63
CA GLU A 95 15.77 27.24 18.79
C GLU A 95 14.63 28.04 19.39
N ASP A 96 13.38 27.67 19.12
CA ASP A 96 12.32 28.45 19.71
C ASP A 96 12.28 29.95 19.51
N TYR A 97 12.52 30.42 18.31
CA TYR A 97 12.51 31.82 17.96
C TYR A 97 13.32 32.84 18.73
N ARG A 98 14.50 32.43 19.18
CA ARG A 98 15.38 33.29 19.93
C ARG A 98 16.57 33.66 19.03
N GLY A 99 17.33 34.64 19.52
CA GLY A 99 18.49 35.08 18.77
C GLY A 99 18.08 36.01 17.66
N GLN A 100 19.05 36.30 16.78
CA GLN A 100 18.76 37.21 15.66
C GLN A 100 17.71 36.56 14.77
N MET A 101 16.84 37.38 14.21
CA MET A 101 15.82 36.97 13.29
C MET A 101 16.07 37.73 11.96
N ILE A 102 16.07 37.00 10.86
CA ILE A 102 16.27 37.53 9.52
C ILE A 102 14.99 37.22 8.76
N GLU A 103 14.41 38.21 8.10
CA GLU A 103 13.18 37.90 7.38
C GLU A 103 13.55 38.06 5.89
N ILE A 104 13.21 37.08 5.08
CA ILE A 104 13.46 37.08 3.63
C ILE A 104 12.16 36.95 2.84
N THR A 105 12.10 37.53 1.64
CA THR A 105 10.88 37.41 0.83
C THR A 105 11.29 36.94 -0.58
N GLU A 106 12.54 36.51 -0.72
CA GLU A 106 13.15 36.05 -1.93
C GLU A 106 14.14 34.90 -1.77
N ASP A 107 14.41 34.24 -2.90
CA ASP A 107 15.30 33.09 -2.94
C ASP A 107 16.69 33.47 -2.50
N CYS A 108 17.36 32.57 -1.82
CA CYS A 108 18.72 32.76 -1.33
C CYS A 108 19.63 31.59 -1.70
N SER A 109 20.46 31.85 -2.70
CA SER A 109 21.45 30.88 -3.20
C SER A 109 22.47 30.53 -2.12
N SER A 110 22.85 31.52 -1.32
CA SER A 110 23.81 31.28 -0.25
C SER A 110 23.46 32.05 1.03
N LEU A 111 23.21 31.25 2.07
CA LEU A 111 22.90 31.80 3.36
C LEU A 111 24.23 32.29 3.96
N GLN A 112 25.23 31.43 3.98
CA GLN A 112 26.54 31.79 4.54
C GLN A 112 27.09 33.09 3.94
N ASP A 113 27.00 33.20 2.62
CA ASP A 113 27.46 34.39 1.92
C ASP A 113 26.60 35.61 2.19
N ARG A 114 25.29 35.52 1.95
CA ARG A 114 24.44 36.67 2.17
C ARG A 114 24.25 37.11 3.61
N PHE A 115 24.02 36.19 4.54
CA PHE A 115 23.73 36.54 5.90
C PHE A 115 24.76 36.01 6.83
N HIS A 116 25.74 35.30 6.27
CA HIS A 116 26.74 34.80 7.22
C HIS A 116 26.30 33.78 8.21
N PHE A 117 25.20 33.10 7.87
CA PHE A 117 24.66 32.07 8.77
C PHE A 117 24.95 30.73 8.07
N ASN A 118 25.13 29.71 8.89
CA ASN A 118 25.39 28.36 8.36
C ASN A 118 24.35 27.39 8.93
N GLU A 119 23.68 27.85 9.96
CA GLU A 119 22.68 26.95 10.57
C GLU A 119 21.52 27.83 10.97
N ILE A 120 20.34 27.20 10.96
CA ILE A 120 19.16 27.99 11.36
C ILE A 120 18.54 26.99 12.34
N HIS A 121 18.20 27.48 13.52
CA HIS A 121 17.63 26.63 14.57
C HIS A 121 16.14 26.65 14.72
N SER A 122 15.50 27.64 14.11
CA SER A 122 14.06 27.77 14.16
C SER A 122 13.58 28.64 13.03
N LEU A 123 12.34 28.44 12.59
CA LEU A 123 11.82 29.22 11.48
C LEU A 123 10.32 29.43 11.63
N ASN A 124 9.89 30.50 10.98
CA ASN A 124 8.46 30.79 10.98
C ASN A 124 8.11 31.10 9.52
N VAL A 125 7.38 30.21 8.86
CA VAL A 125 6.99 30.43 7.47
C VAL A 125 5.65 31.20 7.49
N LEU A 126 5.68 32.50 7.16
CA LEU A 126 4.49 33.32 7.14
C LEU A 126 3.65 33.24 5.88
N GLU A 127 4.30 33.34 4.72
CA GLU A 127 3.60 33.28 3.44
C GLU A 127 4.34 32.32 2.49
N GLY A 128 3.57 31.59 1.69
CA GLY A 128 4.11 30.65 0.76
C GLY A 128 4.93 29.50 1.31
N SER A 129 5.20 28.57 0.39
CA SER A 129 5.98 27.36 0.64
C SER A 129 7.38 27.61 0.06
N TRP A 130 8.39 27.07 0.74
CA TRP A 130 9.79 27.26 0.38
C TRP A 130 10.43 25.88 0.49
N VAL A 131 11.58 25.74 -0.16
CA VAL A 131 12.35 24.51 -0.12
C VAL A 131 13.67 24.97 0.49
N LEU A 132 14.09 24.31 1.56
CA LEU A 132 15.36 24.60 2.24
C LEU A 132 16.33 23.49 1.77
N TYR A 133 17.54 23.88 1.34
CA TYR A 133 18.54 22.91 0.90
C TYR A 133 19.68 22.94 1.89
N GLU A 134 20.29 21.78 2.15
CA GLU A 134 21.40 21.75 3.10
C GLU A 134 22.65 22.45 2.55
N LEU A 135 22.73 22.64 1.24
CA LEU A 135 23.88 23.25 0.62
C LEU A 135 23.48 24.39 -0.31
N PRO A 136 24.53 25.19 -0.63
CA PRO A 136 24.42 26.36 -1.49
C PRO A 136 24.04 26.03 -2.90
N ASN A 137 23.46 27.04 -3.55
CA ASN A 137 23.01 26.87 -4.91
C ASN A 137 21.92 25.83 -5.05
N TYR A 138 21.27 25.51 -3.93
CA TYR A 138 20.16 24.56 -4.07
C TYR A 138 20.49 23.12 -4.40
N ARG A 139 21.32 22.53 -3.54
CA ARG A 139 21.73 21.15 -3.72
C ARG A 139 21.79 20.61 -2.30
N GLY A 140 22.05 19.32 -2.27
CA GLY A 140 22.07 18.61 -1.01
C GLY A 140 20.63 18.19 -0.71
N ARG A 141 20.38 17.81 0.53
CA ARG A 141 19.12 17.37 1.11
C ARG A 141 18.08 18.46 1.00
N GLN A 142 16.82 18.13 0.73
CA GLN A 142 15.80 19.18 0.55
C GLN A 142 14.71 19.00 1.60
N TYR A 143 14.13 20.11 2.05
CA TYR A 143 13.08 20.12 3.05
C TYR A 143 12.02 21.12 2.65
N LEU A 144 10.81 20.59 2.55
CA LEU A 144 9.69 21.44 2.18
C LEU A 144 9.27 22.18 3.47
N LEU A 145 9.10 23.49 3.36
CA LEU A 145 8.68 24.35 4.49
C LEU A 145 7.33 24.95 4.06
N ARG A 146 6.29 24.54 4.78
CA ARG A 146 4.96 25.09 4.43
C ARG A 146 4.64 26.17 5.46
N PRO A 147 3.62 27.01 5.26
CA PRO A 147 3.34 28.05 6.27
C PRO A 147 3.21 27.49 7.66
N GLY A 148 3.80 28.13 8.66
CA GLY A 148 3.67 27.52 9.98
C GLY A 148 4.94 27.78 10.75
N GLU A 149 5.03 27.22 11.96
CA GLU A 149 6.23 27.44 12.76
C GLU A 149 6.95 26.11 12.95
N TYR A 150 8.24 26.27 13.17
CA TYR A 150 9.17 25.18 13.38
C TYR A 150 10.10 25.66 14.51
N ARG A 151 9.88 25.07 15.67
CA ARG A 151 10.61 25.36 16.91
C ARG A 151 12.08 24.93 16.78
N ARG A 152 12.23 23.81 16.06
CA ARG A 152 13.54 23.22 15.88
C ARG A 152 13.65 22.56 14.52
N TYR A 153 14.87 22.19 14.12
CA TYR A 153 15.20 21.57 12.85
C TYR A 153 14.56 20.23 12.58
N HIS A 154 14.45 19.44 13.64
CA HIS A 154 13.79 18.12 13.57
C HIS A 154 12.39 18.37 12.98
N ASP A 155 11.75 19.48 13.31
CA ASP A 155 10.46 19.88 12.83
C ASP A 155 10.36 19.97 11.31
N TRP A 156 11.43 20.31 10.58
CA TRP A 156 11.30 20.37 9.13
C TRP A 156 11.85 19.07 8.54
N GLY A 157 12.16 18.12 9.41
CA GLY A 157 12.65 16.82 9.07
C GLY A 157 14.14 16.63 8.84
N ALA A 158 14.93 17.64 9.22
CA ALA A 158 16.37 17.49 8.98
C ALA A 158 17.10 16.74 10.08
N MET A 159 18.33 16.37 9.75
CA MET A 159 19.19 15.73 10.71
C MET A 159 20.04 16.67 11.52
N ASN A 160 20.16 17.92 11.07
CA ASN A 160 20.92 18.93 11.80
C ASN A 160 20.39 20.30 11.39
N ALA A 161 20.90 21.37 11.99
CA ALA A 161 20.49 22.74 11.72
C ALA A 161 21.11 23.37 10.48
N LYS A 162 21.99 22.64 9.80
CA LYS A 162 22.63 23.19 8.62
C LYS A 162 21.69 23.60 7.51
N VAL A 163 21.93 24.80 6.98
CA VAL A 163 21.16 25.35 5.87
C VAL A 163 22.11 25.97 4.85
N GLY A 164 21.86 25.80 3.55
CA GLY A 164 22.73 26.37 2.56
C GLY A 164 22.04 27.33 1.60
N SER A 165 20.78 27.03 1.25
CA SER A 165 20.04 27.89 0.36
C SER A 165 18.55 27.66 0.62
N LEU A 166 17.78 28.64 0.14
CA LEU A 166 16.34 28.60 0.31
C LEU A 166 15.75 29.09 -1.00
N ARG A 167 14.69 28.44 -1.44
CA ARG A 167 14.05 28.86 -2.69
C ARG A 167 12.53 28.90 -2.53
N ARG A 168 11.91 29.91 -3.11
CA ARG A 168 10.44 29.99 -3.00
C ARG A 168 9.82 29.02 -4.01
N VAL A 169 8.76 28.35 -3.57
CA VAL A 169 8.05 27.41 -4.42
C VAL A 169 7.20 28.29 -5.32
N ILE A 170 7.73 28.51 -6.52
CA ILE A 170 7.15 29.28 -7.59
C ILE A 170 6.87 28.40 -8.81
N ASP A 171 5.79 28.75 -9.50
CA ASP A 171 5.33 27.99 -10.64
C ASP A 171 5.58 28.40 -12.07
N ILE A 172 5.90 27.38 -12.87
CA ILE A 172 6.11 27.60 -14.30
C ILE A 172 4.86 27.09 -15.07
N TYR A 173 4.04 26.32 -14.37
CA TYR A 173 2.82 25.68 -14.83
C TYR A 173 3.15 24.20 -15.08
N GLY B 1 -1.89 -29.71 10.80
CA GLY B 1 -3.16 -29.21 11.30
C GLY B 1 -4.05 -30.37 11.69
N LYS B 2 -5.24 -30.10 12.20
CA LYS B 2 -6.13 -31.20 12.58
C LYS B 2 -7.56 -30.66 12.62
N ILE B 3 -8.44 -31.33 11.89
CA ILE B 3 -9.84 -30.91 11.79
C ILE B 3 -10.74 -32.11 12.05
N THR B 4 -11.88 -31.91 12.70
CA THR B 4 -12.79 -33.05 12.98
C THR B 4 -14.16 -32.60 12.52
N PHE B 5 -14.73 -33.41 11.65
CA PHE B 5 -16.06 -33.14 11.08
C PHE B 5 -17.09 -34.01 11.84
N TYR B 6 -18.28 -33.50 12.09
CA TYR B 6 -19.33 -34.27 12.79
C TYR B 6 -20.59 -34.22 11.92
N GLU B 7 -21.29 -35.35 11.89
CA GLU B 7 -22.51 -35.43 11.08
C GLU B 7 -23.65 -34.58 11.60
N ASP B 8 -23.72 -34.47 12.92
CA ASP B 8 -24.81 -33.67 13.55
C ASP B 8 -24.31 -32.36 14.18
N ARG B 9 -25.25 -31.47 14.49
CA ARG B 9 -24.98 -30.19 15.13
C ARG B 9 -24.41 -30.41 16.55
N GLY B 10 -23.64 -29.42 17.00
CA GLY B 10 -23.08 -29.49 18.33
C GLY B 10 -22.07 -30.55 18.67
N PHE B 11 -21.29 -30.99 17.67
CA PHE B 11 -20.25 -31.97 17.87
C PHE B 11 -20.77 -33.34 18.22
N GLN B 12 -21.94 -33.69 17.68
CA GLN B 12 -22.48 -35.02 17.97
C GLN B 12 -22.51 -35.83 16.66
N GLY B 13 -22.70 -37.12 16.87
CA GLY B 13 -22.78 -37.97 15.68
C GLY B 13 -21.45 -38.59 15.32
N ARG B 14 -21.52 -39.18 14.14
CA ARG B 14 -20.38 -39.85 13.51
C ARG B 14 -19.49 -38.65 13.14
N HIS B 15 -18.22 -38.91 13.38
CA HIS B 15 -17.23 -37.87 13.10
C HIS B 15 -16.05 -38.52 12.43
N TYR B 16 -15.31 -37.62 11.78
CA TYR B 16 -14.10 -37.99 11.06
C TYR B 16 -13.04 -36.90 11.28
N GLU B 17 -11.83 -37.32 11.56
CA GLU B 17 -10.69 -36.42 11.79
C GLU B 17 -9.64 -36.46 10.68
N CYS B 18 -9.24 -35.28 10.21
CA CYS B 18 -8.25 -35.23 9.17
C CYS B 18 -7.06 -34.39 9.65
N SER B 19 -5.88 -34.76 9.17
CA SER B 19 -4.66 -34.04 9.49
C SER B 19 -4.08 -33.51 8.18
N SER B 20 -4.79 -33.74 7.08
CA SER B 20 -4.32 -33.32 5.75
C SER B 20 -5.41 -33.12 4.72
N ASP B 21 -5.02 -32.79 3.48
CA ASP B 21 -5.99 -32.64 2.39
C ASP B 21 -6.74 -33.98 2.22
N HIS B 22 -8.02 -33.86 1.91
CA HIS B 22 -8.88 -35.02 1.73
C HIS B 22 -9.78 -34.73 0.56
N SER B 23 -9.62 -35.48 -0.54
CA SER B 23 -10.41 -35.25 -1.75
C SER B 23 -11.82 -35.76 -1.83
N ASN B 24 -12.19 -36.65 -0.90
CA ASN B 24 -13.56 -37.17 -0.93
C ASN B 24 -13.86 -37.76 0.44
N LEU B 25 -14.53 -36.97 1.27
CA LEU B 25 -14.88 -37.39 2.63
C LEU B 25 -16.11 -38.30 2.62
N GLN B 26 -16.85 -38.32 1.51
CA GLN B 26 -18.04 -39.15 1.39
C GLN B 26 -18.09 -40.51 2.07
N PRO B 27 -17.08 -41.37 1.94
CA PRO B 27 -17.25 -42.66 2.62
C PRO B 27 -17.07 -42.60 4.13
N TYR B 28 -16.50 -41.51 4.64
CA TYR B 28 -16.29 -41.46 6.11
C TYR B 28 -17.22 -40.47 6.79
N LEU B 29 -17.98 -39.73 6.00
CA LEU B 29 -18.85 -38.72 6.61
C LEU B 29 -20.03 -38.49 5.67
N GLY B 30 -21.23 -38.73 6.19
CA GLY B 30 -22.41 -38.58 5.36
C GLY B 30 -22.90 -37.18 5.14
N ARG B 31 -22.53 -36.27 6.03
CA ARG B 31 -23.00 -34.88 5.93
C ARG B 31 -22.21 -34.21 7.07
N CYS B 32 -22.18 -32.89 7.02
CA CYS B 32 -21.38 -32.17 8.01
C CYS B 32 -22.17 -31.01 8.59
N ASN B 33 -22.45 -31.14 9.89
CA ASN B 33 -23.22 -30.17 10.63
C ASN B 33 -22.48 -29.42 11.72
N SER B 34 -21.24 -29.84 12.02
CA SER B 34 -20.42 -29.12 12.98
C SER B 34 -18.96 -29.49 12.76
N VAL B 35 -18.01 -28.64 13.16
CA VAL B 35 -16.59 -28.96 12.94
C VAL B 35 -15.80 -28.32 14.10
N ARG B 36 -14.76 -29.03 14.51
CA ARG B 36 -13.87 -28.51 15.54
C ARG B 36 -12.49 -28.36 14.87
N VAL B 37 -11.99 -27.15 14.70
CA VAL B 37 -10.68 -27.02 14.08
C VAL B 37 -9.70 -26.85 15.27
N ASP B 38 -8.88 -27.87 15.42
CA ASP B 38 -7.89 -27.91 16.47
C ASP B 38 -6.68 -27.09 16.08
N SER B 39 -6.26 -27.18 14.82
CA SER B 39 -5.09 -26.37 14.44
C SER B 39 -5.11 -26.33 12.91
N GLY B 40 -4.52 -25.27 12.40
CA GLY B 40 -4.41 -25.02 10.99
C GLY B 40 -5.54 -24.19 10.43
N CYS B 41 -5.38 -23.78 9.18
CA CYS B 41 -6.34 -22.99 8.42
C CYS B 41 -6.76 -23.98 7.33
N TRP B 42 -8.07 -24.13 7.17
CA TRP B 42 -8.60 -25.10 6.24
C TRP B 42 -9.60 -24.48 5.31
N MET B 43 -9.70 -25.10 4.13
CA MET B 43 -10.69 -24.61 3.16
C MET B 43 -11.57 -25.86 3.01
N ILE B 44 -12.88 -25.73 3.18
CA ILE B 44 -13.71 -26.95 3.06
C ILE B 44 -14.62 -26.65 1.85
N TYR B 45 -14.91 -27.71 1.11
CA TYR B 45 -15.71 -27.64 -0.12
C TYR B 45 -16.93 -28.55 -0.13
N GLU B 46 -17.92 -28.03 -0.83
CA GLU B 46 -19.16 -28.75 -0.95
C GLU B 46 -19.13 -30.08 -1.66
N GLN B 47 -18.25 -30.29 -2.62
CA GLN B 47 -18.15 -31.55 -3.38
C GLN B 47 -16.75 -32.15 -3.33
N PRO B 48 -16.60 -33.40 -3.74
CA PRO B 48 -15.26 -34.02 -3.74
C PRO B 48 -14.34 -33.37 -4.76
N ASN B 49 -13.04 -33.64 -4.63
CA ASN B 49 -12.06 -33.07 -5.54
C ASN B 49 -12.04 -31.56 -5.55
N TYR B 50 -12.27 -30.93 -4.41
CA TYR B 50 -12.23 -29.50 -4.27
C TYR B 50 -13.08 -28.65 -5.14
N LEU B 51 -14.30 -29.13 -5.37
CA LEU B 51 -15.25 -28.45 -6.24
C LEU B 51 -16.43 -27.92 -5.45
N GLY B 52 -17.18 -27.02 -6.06
CA GLY B 52 -18.32 -26.45 -5.34
C GLY B 52 -17.89 -25.27 -4.49
N PRO B 53 -18.86 -24.77 -3.71
CA PRO B 53 -18.60 -23.64 -2.79
C PRO B 53 -17.57 -24.09 -1.75
N GLN B 54 -16.75 -23.12 -1.35
CA GLN B 54 -15.68 -23.32 -0.40
C GLN B 54 -15.84 -22.36 0.78
N TYR B 55 -15.33 -22.81 1.90
CA TYR B 55 -15.42 -21.99 3.12
C TYR B 55 -14.10 -22.12 3.85
N PHE B 56 -13.62 -20.94 4.27
CA PHE B 56 -12.35 -20.88 5.00
C PHE B 56 -12.64 -21.07 6.49
N LEU B 57 -11.83 -21.87 7.19
CA LEU B 57 -12.07 -22.03 8.61
C LEU B 57 -10.70 -21.98 9.27
N ARG B 58 -10.62 -21.43 10.48
CA ARG B 58 -9.33 -21.43 11.19
C ARG B 58 -9.67 -22.08 12.54
N ARG B 59 -8.69 -22.29 13.40
CA ARG B 59 -8.81 -22.85 14.75
C ARG B 59 -10.06 -22.36 15.46
N GLY B 60 -10.85 -23.26 16.05
CA GLY B 60 -12.07 -22.84 16.72
C GLY B 60 -13.12 -23.93 16.62
N ASP B 61 -14.29 -23.68 17.17
CA ASP B 61 -15.40 -24.59 17.21
C ASP B 61 -16.53 -24.03 16.34
N TYR B 62 -17.10 -24.89 15.50
CA TYR B 62 -18.18 -24.45 14.63
C TYR B 62 -19.36 -25.40 14.97
N PRO B 63 -20.29 -25.02 15.87
CA PRO B 63 -21.40 -25.91 16.25
C PRO B 63 -22.50 -26.15 15.25
N ASP B 64 -22.45 -25.43 14.13
CA ASP B 64 -23.41 -25.51 13.06
C ASP B 64 -22.78 -24.96 11.80
N TYR B 65 -23.27 -25.39 10.63
CA TYR B 65 -22.75 -24.92 9.36
C TYR B 65 -22.85 -23.42 9.18
N GLN B 66 -23.76 -22.73 9.85
CA GLN B 66 -23.86 -21.28 9.71
C GLN B 66 -22.67 -20.60 10.37
N GLN B 67 -22.04 -21.27 11.34
CA GLN B 67 -20.87 -20.64 11.98
C GLN B 67 -19.74 -20.44 10.96
N TRP B 68 -19.60 -21.23 9.89
CA TRP B 68 -18.53 -21.03 8.89
C TRP B 68 -19.12 -20.38 7.66
N MET B 69 -20.30 -19.80 7.89
CA MET B 69 -21.08 -19.13 6.86
C MET B 69 -21.46 -20.10 5.74
N GLY B 70 -21.58 -21.36 6.12
CA GLY B 70 -21.90 -22.41 5.18
C GLY B 70 -23.35 -22.31 4.76
N LEU B 71 -23.60 -22.82 3.56
CA LEU B 71 -24.93 -22.82 2.96
C LEU B 71 -25.77 -24.03 3.30
N ASN B 72 -25.11 -25.17 3.53
CA ASN B 72 -25.82 -26.42 3.83
C ASN B 72 -24.85 -27.37 4.49
N ASP B 73 -25.26 -28.62 4.70
CA ASP B 73 -24.39 -29.56 5.39
C ASP B 73 -23.62 -30.53 4.51
N SER B 74 -23.42 -30.07 3.28
CA SER B 74 -22.65 -30.95 2.37
C SER B 74 -21.18 -30.51 2.39
N ILE B 75 -20.28 -31.34 2.93
CA ILE B 75 -18.84 -31.02 2.99
C ILE B 75 -18.19 -32.30 2.48
N ARG B 76 -17.59 -32.23 1.29
CA ARG B 76 -17.00 -33.47 0.73
C ARG B 76 -15.53 -33.58 0.45
N SER B 77 -14.78 -32.51 0.71
CA SER B 77 -13.34 -32.48 0.55
C SER B 77 -12.84 -31.26 1.33
N CYS B 78 -11.55 -31.25 1.65
CA CYS B 78 -10.92 -30.17 2.39
C CYS B 78 -9.41 -30.06 2.13
N ARG B 79 -8.90 -28.84 2.23
CA ARG B 79 -7.48 -28.59 2.11
C ARG B 79 -7.00 -27.83 3.37
N LEU B 80 -5.86 -28.32 3.85
CA LEU B 80 -5.08 -27.75 4.96
C LEU B 80 -4.24 -26.68 4.23
N ILE B 81 -4.41 -25.41 4.56
CA ILE B 81 -3.70 -24.33 3.87
C ILE B 81 -2.42 -23.99 4.61
N PRO B 82 -1.27 -24.30 4.00
CA PRO B 82 0.03 -24.04 4.63
C PRO B 82 0.23 -22.62 5.13
N HIS B 83 0.96 -22.48 6.24
CA HIS B 83 1.20 -21.10 6.73
C HIS B 83 2.26 -20.48 5.78
N ALA B 84 2.18 -19.16 5.64
CA ALA B 84 3.10 -18.37 4.84
C ALA B 84 3.58 -17.27 5.81
N GLY B 85 4.86 -16.95 5.72
CA GLY B 85 5.46 -15.91 6.56
C GLY B 85 5.13 -14.55 5.98
N SER B 86 5.08 -14.53 4.65
CA SER B 86 4.76 -13.30 3.94
C SER B 86 3.63 -13.53 2.90
N HIS B 87 2.94 -12.47 2.51
CA HIS B 87 1.85 -12.41 1.58
C HIS B 87 2.05 -11.31 0.57
N ARG B 88 1.91 -11.63 -0.71
CA ARG B 88 2.05 -10.58 -1.71
C ARG B 88 1.15 -10.97 -2.89
N LEU B 89 0.41 -10.01 -3.43
CA LEU B 89 -0.45 -10.40 -4.55
C LEU B 89 -0.65 -9.25 -5.51
N ARG B 90 -0.71 -9.59 -6.79
CA ARG B 90 -0.93 -8.58 -7.83
C ARG B 90 -2.31 -8.82 -8.47
N LEU B 91 -3.13 -7.79 -8.48
CA LEU B 91 -4.48 -7.79 -9.04
C LEU B 91 -4.40 -6.95 -10.32
N TYR B 92 -5.00 -7.44 -11.39
CA TYR B 92 -4.99 -6.76 -12.68
C TYR B 92 -6.40 -6.47 -13.13
N GLU B 93 -6.51 -5.34 -13.82
CA GLU B 93 -7.78 -4.90 -14.30
C GLU B 93 -8.33 -5.69 -15.46
N ARG B 94 -7.46 -6.25 -16.30
CA ARG B 94 -7.98 -7.01 -17.44
C ARG B 94 -7.47 -8.44 -17.36
N GLU B 95 -7.98 -9.27 -18.25
CA GLU B 95 -7.57 -10.67 -18.34
C GLU B 95 -6.11 -10.76 -18.78
N ASP B 96 -5.48 -11.87 -18.42
CA ASP B 96 -4.10 -12.09 -18.80
C ASP B 96 -3.15 -11.02 -18.31
N TYR B 97 -3.24 -10.55 -17.07
CA TYR B 97 -2.25 -9.56 -16.65
C TYR B 97 -2.18 -8.26 -17.38
N ARG B 98 -3.30 -7.75 -17.87
CA ARG B 98 -3.29 -6.49 -18.59
C ARG B 98 -4.04 -5.40 -17.83
N GLY B 99 -3.92 -4.17 -18.31
CA GLY B 99 -4.56 -3.01 -17.70
C GLY B 99 -3.81 -2.63 -16.44
N GLN B 100 -4.35 -1.77 -15.59
CA GLN B 100 -3.63 -1.40 -14.37
C GLN B 100 -3.41 -2.59 -13.44
N MET B 101 -2.26 -2.60 -12.78
CA MET B 101 -1.92 -3.64 -11.83
C MET B 101 -1.80 -2.95 -10.46
N ILE B 102 -2.28 -3.63 -9.44
CA ILE B 102 -2.21 -3.13 -8.08
C ILE B 102 -1.61 -4.26 -7.27
N GLU B 103 -0.57 -3.98 -6.51
CA GLU B 103 0.06 -5.01 -5.70
C GLU B 103 -0.23 -4.78 -4.23
N ILE B 104 -0.59 -5.83 -3.50
CA ILE B 104 -0.99 -5.72 -2.10
C ILE B 104 -0.29 -6.70 -1.19
N THR B 105 -0.06 -6.34 0.08
CA THR B 105 0.60 -7.23 1.03
C THR B 105 -0.18 -7.33 2.35
N GLU B 106 -1.31 -6.65 2.40
CA GLU B 106 -2.15 -6.64 3.61
C GLU B 106 -3.61 -6.95 3.20
N ASP B 107 -4.43 -7.25 4.21
CA ASP B 107 -5.85 -7.51 4.01
C ASP B 107 -6.51 -6.23 3.48
N CYS B 108 -7.55 -6.35 2.67
CA CYS B 108 -8.29 -5.23 2.12
C CYS B 108 -9.78 -5.53 2.30
N SER B 109 -10.45 -4.88 3.25
CA SER B 109 -11.86 -5.15 3.54
C SER B 109 -12.81 -4.59 2.52
N SER B 110 -12.31 -3.63 1.74
CA SER B 110 -13.09 -3.07 0.66
C SER B 110 -12.20 -2.70 -0.51
N LEU B 111 -12.39 -3.37 -1.65
CA LEU B 111 -11.56 -3.01 -2.79
C LEU B 111 -12.03 -1.71 -3.44
N GLN B 112 -13.34 -1.55 -3.52
CA GLN B 112 -14.03 -0.39 -4.08
C GLN B 112 -13.62 0.87 -3.30
N ASP B 113 -13.70 0.81 -1.98
CA ASP B 113 -13.31 1.97 -1.17
C ASP B 113 -11.81 2.24 -1.21
N ARG B 114 -11.00 1.20 -1.03
CA ARG B 114 -9.58 1.43 -1.06
C ARG B 114 -8.94 1.71 -2.40
N PHE B 115 -9.37 1.02 -3.48
CA PHE B 115 -8.74 1.25 -4.76
C PHE B 115 -9.68 1.56 -5.90
N HIS B 116 -10.96 1.69 -5.57
CA HIS B 116 -11.96 1.98 -6.58
C HIS B 116 -12.13 0.96 -7.67
N PHE B 117 -11.84 -0.29 -7.30
CA PHE B 117 -11.97 -1.43 -8.20
C PHE B 117 -13.11 -2.29 -7.61
N ASN B 118 -13.99 -2.78 -8.47
CA ASN B 118 -15.07 -3.66 -8.12
C ASN B 118 -14.95 -5.07 -8.72
N GLU B 119 -14.04 -5.27 -9.66
CA GLU B 119 -13.81 -6.54 -10.33
C GLU B 119 -12.31 -6.69 -10.63
N ILE B 120 -11.81 -7.91 -10.53
CA ILE B 120 -10.41 -8.29 -10.80
C ILE B 120 -10.51 -9.35 -11.92
N HIS B 121 -9.85 -9.12 -13.05
CA HIS B 121 -9.85 -10.03 -14.17
C HIS B 121 -8.70 -11.00 -14.32
N SER B 122 -7.64 -10.80 -13.55
CA SER B 122 -6.49 -11.71 -13.56
C SER B 122 -5.71 -11.40 -12.29
N LEU B 123 -4.95 -12.36 -11.82
CA LEU B 123 -4.12 -12.23 -10.67
C LEU B 123 -2.92 -13.14 -10.65
N ASN B 124 -1.90 -12.69 -9.91
CA ASN B 124 -0.70 -13.48 -9.75
C ASN B 124 -0.47 -13.53 -8.23
N VAL B 125 -0.55 -14.69 -7.61
CA VAL B 125 -0.35 -14.82 -6.17
C VAL B 125 1.14 -15.12 -6.00
N LEU B 126 1.92 -14.12 -5.60
CA LEU B 126 3.37 -14.27 -5.44
C LEU B 126 3.74 -14.99 -4.18
N GLU B 127 3.15 -14.56 -3.06
CA GLU B 127 3.46 -15.23 -1.80
C GLU B 127 2.18 -15.31 -0.91
N GLY B 128 2.15 -16.44 -0.24
CA GLY B 128 1.12 -16.84 0.67
C GLY B 128 -0.24 -17.11 0.07
N SER B 129 -1.13 -17.73 0.87
CA SER B 129 -2.47 -18.01 0.36
C SER B 129 -3.41 -16.93 0.90
N TRP B 130 -4.44 -16.58 0.13
CA TRP B 130 -5.38 -15.54 0.51
C TRP B 130 -6.77 -16.14 0.24
N VAL B 131 -7.79 -15.45 0.70
CA VAL B 131 -9.17 -15.92 0.45
C VAL B 131 -9.75 -14.68 -0.20
N LEU B 132 -10.34 -14.86 -1.37
CA LEU B 132 -10.97 -13.78 -2.11
C LEU B 132 -12.48 -13.83 -1.81
N TYR B 133 -13.07 -12.71 -1.45
CA TYR B 133 -14.49 -12.64 -1.09
C TYR B 133 -15.19 -11.81 -2.14
N GLU B 134 -16.39 -12.27 -2.50
CA GLU B 134 -17.15 -11.53 -3.50
C GLU B 134 -17.64 -10.21 -2.92
N LEU B 135 -17.85 -10.13 -1.61
CA LEU B 135 -18.33 -8.89 -0.99
C LEU B 135 -17.39 -8.37 0.07
N PRO B 136 -17.42 -7.03 0.18
CA PRO B 136 -16.63 -6.25 1.14
C PRO B 136 -16.91 -6.82 2.53
N ASN B 137 -15.97 -6.55 3.41
CA ASN B 137 -16.04 -7.01 4.79
C ASN B 137 -16.03 -8.50 4.94
N TYR B 138 -15.46 -9.17 3.94
CA TYR B 138 -15.31 -10.62 3.99
C TYR B 138 -16.56 -11.49 4.11
N ARG B 139 -17.46 -11.24 3.19
CA ARG B 139 -18.73 -11.93 3.08
C ARG B 139 -18.90 -12.35 1.62
N GLY B 140 -19.92 -13.15 1.37
CA GLY B 140 -20.19 -13.57 -0.01
C GLY B 140 -19.50 -14.89 -0.24
N ARG B 141 -19.47 -15.29 -1.51
CA ARG B 141 -18.80 -16.52 -1.90
C ARG B 141 -17.29 -16.29 -1.69
N GLN B 142 -16.65 -17.37 -1.27
CA GLN B 142 -15.23 -17.33 -0.95
C GLN B 142 -14.48 -18.17 -1.94
N TYR B 143 -13.26 -17.72 -2.26
CA TYR B 143 -12.46 -18.51 -3.18
C TYR B 143 -11.05 -18.54 -2.62
N LEU B 144 -10.48 -19.73 -2.46
CA LEU B 144 -9.07 -19.78 -2.01
C LEU B 144 -8.10 -19.45 -3.16
N LEU B 145 -7.12 -18.61 -2.85
CA LEU B 145 -6.13 -18.25 -3.87
C LEU B 145 -4.80 -18.75 -3.26
N ARG B 146 -4.18 -19.68 -3.97
CA ARG B 146 -2.89 -20.20 -3.49
C ARG B 146 -1.83 -19.60 -4.45
N PRO B 147 -0.56 -19.59 -4.05
CA PRO B 147 0.49 -19.01 -4.90
C PRO B 147 0.39 -19.54 -6.33
N GLY B 148 0.46 -18.64 -7.30
CA GLY B 148 0.37 -19.07 -8.69
C GLY B 148 -0.36 -18.00 -9.48
N GLU B 149 -0.49 -18.29 -10.78
CA GLU B 149 -1.10 -17.34 -11.70
C GLU B 149 -2.54 -17.76 -12.03
N TYR B 150 -3.36 -16.78 -12.30
CA TYR B 150 -4.77 -17.03 -12.66
C TYR B 150 -5.04 -16.04 -13.75
N ARG B 151 -5.08 -16.51 -14.99
CA ARG B 151 -5.28 -15.57 -16.07
C ARG B 151 -6.65 -15.02 -16.30
N ARG B 152 -7.64 -15.67 -15.71
CA ARG B 152 -9.06 -15.26 -15.87
C ARG B 152 -9.78 -15.62 -14.55
N TYR B 153 -10.90 -14.96 -14.24
CA TYR B 153 -11.61 -15.31 -13.00
C TYR B 153 -12.07 -16.75 -12.86
N HIS B 154 -12.26 -17.41 -14.00
CA HIS B 154 -12.68 -18.81 -13.98
C HIS B 154 -11.62 -19.66 -13.29
N ASP B 155 -10.37 -19.24 -13.41
CA ASP B 155 -9.26 -19.99 -12.83
C ASP B 155 -9.23 -20.05 -11.33
N TRP B 156 -9.94 -19.17 -10.62
CA TRP B 156 -9.93 -19.25 -9.16
C TRP B 156 -11.31 -19.80 -8.78
N GLY B 157 -12.05 -20.13 -9.83
CA GLY B 157 -13.33 -20.74 -9.73
C GLY B 157 -14.56 -19.87 -9.55
N ALA B 158 -14.42 -18.59 -9.89
CA ALA B 158 -15.61 -17.75 -9.66
C ALA B 158 -16.43 -17.78 -10.93
N MET B 159 -17.65 -17.26 -10.79
CA MET B 159 -18.54 -17.18 -11.94
C MET B 159 -18.47 -15.84 -12.62
N ASN B 160 -17.90 -14.87 -11.91
CA ASN B 160 -17.71 -13.54 -12.48
C ASN B 160 -16.50 -12.88 -11.80
N ALA B 161 -16.06 -11.75 -12.32
CA ALA B 161 -14.93 -10.95 -11.88
C ALA B 161 -15.16 -10.11 -10.63
N LYS B 162 -16.32 -10.28 -9.99
CA LYS B 162 -16.63 -9.51 -8.80
C LYS B 162 -15.79 -9.83 -7.58
N VAL B 163 -15.22 -8.80 -6.96
CA VAL B 163 -14.41 -9.07 -5.76
C VAL B 163 -14.72 -7.92 -4.83
N GLY B 164 -14.80 -8.24 -3.54
CA GLY B 164 -15.10 -7.16 -2.62
C GLY B 164 -14.07 -7.00 -1.53
N SER B 165 -13.43 -8.12 -1.18
CA SER B 165 -12.44 -8.03 -0.12
C SER B 165 -11.48 -9.19 -0.27
N LEU B 166 -10.34 -9.01 0.36
CA LEU B 166 -9.27 -10.00 0.31
C LEU B 166 -8.63 -10.15 1.68
N ARG B 167 -8.38 -11.39 2.07
CA ARG B 167 -7.73 -11.56 3.36
C ARG B 167 -6.60 -12.55 3.26
N ARG B 168 -5.47 -12.29 3.93
CA ARG B 168 -4.40 -13.27 3.86
C ARG B 168 -4.78 -14.41 4.81
N VAL B 169 -4.28 -15.61 4.49
CA VAL B 169 -4.54 -16.77 5.33
C VAL B 169 -3.37 -16.79 6.34
N ILE B 170 -3.68 -16.53 7.59
CA ILE B 170 -2.72 -16.55 8.69
C ILE B 170 -3.19 -17.41 9.87
N ASP B 171 -2.27 -18.13 10.51
CA ASP B 171 -2.62 -18.91 11.68
C ASP B 171 -2.99 -18.17 12.95
N ILE B 172 -4.01 -18.69 13.64
CA ILE B 172 -4.49 -18.06 14.88
C ILE B 172 -3.78 -18.78 16.04
N TYR B 173 -2.50 -18.43 16.08
CA TYR B 173 -1.47 -18.91 16.95
C TYR B 173 -0.87 -20.11 16.19
#